data_8DZV
#
_entry.id   8DZV
#
_cell.length_a   45.800
_cell.length_b   74.210
_cell.length_c   75.430
_cell.angle_alpha   90.000
_cell.angle_beta   90.000
_cell.angle_gamma   90.000
#
_symmetry.space_group_name_H-M   'P 2 21 21'
#
loop_
_entity.id
_entity.type
_entity.pdbx_description
1 polymer 'scfv 2B12'
2 polymer 'cTnI peptide'
3 non-polymer 'POTASSIUM ION'
4 non-polymer 'PHOSPHATE ION'
5 water water
#
loop_
_entity_poly.entity_id
_entity_poly.type
_entity_poly.pdbx_seq_one_letter_code
_entity_poly.pdbx_strand_id
1 'polypeptide(L)'
;ALTQPSSVSANPGETVKITCSGGGRYYDGSYYYGWYQQKSPGSAPVTVIYENTKRPSNIPSRFSGSKSGSTATLTITGVR
AEDEAVYYCGSADDNMNPTIFGAGTTLTVLGQSSRSSGGGGSGGGGSSAVTLDESGGGLQTPGGALSLVCKASGFTFSSY
GMQWVRQAPGKGLEWVAGIQNDDTGTYYGAAVKGRATISRDNGQSTVRLQLNNLRAEDTGTYYCAKDASSDGGYGGDSID
AWGHGTEVIVSSTSGQAGQHHHHHHGAYPYDVPDYAS
;
A
2 'polypeptide(L)' KISASRKLQLKTL C
#
loop_
_chem_comp.id
_chem_comp.type
_chem_comp.name
_chem_comp.formula
K non-polymer 'POTASSIUM ION' 'K 1'
PO4 non-polymer 'PHOSPHATE ION' 'O4 P -3'
#
# COMPACT_ATOMS: atom_id res chain seq x y z
N ALA A 1 -0.42 -8.21 -13.11
CA ALA A 1 -1.13 -7.91 -11.88
C ALA A 1 -2.24 -6.91 -12.14
N LEU A 2 -2.05 -5.71 -11.61
CA LEU A 2 -2.89 -4.57 -11.91
C LEU A 2 -2.32 -3.81 -13.10
N THR A 3 -3.22 -3.20 -13.86
CA THR A 3 -2.88 -2.49 -15.08
C THR A 3 -3.30 -1.04 -14.93
N GLN A 4 -2.34 -0.13 -14.98
CA GLN A 4 -2.63 1.30 -15.03
C GLN A 4 -1.61 1.92 -15.97
N PRO A 5 -1.93 3.06 -16.57
CA PRO A 5 -1.03 3.63 -17.58
C PRO A 5 0.24 4.17 -16.93
N SER A 6 1.31 4.21 -17.72
N SER A 6 1.32 4.20 -17.70
CA SER A 6 2.59 4.67 -17.19
CA SER A 6 2.57 4.68 -17.11
C SER A 6 2.59 6.16 -16.92
C SER A 6 2.56 6.18 -16.88
N SER A 7 1.81 6.94 -17.68
CA SER A 7 1.86 8.40 -17.55
C SER A 7 0.56 9.04 -17.98
N VAL A 8 0.35 10.25 -17.45
CA VAL A 8 -0.75 11.12 -17.86
C VAL A 8 -0.26 12.54 -17.72
N SER A 9 -0.77 13.41 -18.59
N SER A 9 -0.72 13.41 -18.61
CA SER A 9 -0.34 14.81 -18.63
CA SER A 9 -0.35 14.81 -18.56
C SER A 9 -1.58 15.71 -18.70
C SER A 9 -1.61 15.66 -18.60
N ALA A 10 -1.51 16.87 -18.05
CA ALA A 10 -2.63 17.80 -18.06
C ALA A 10 -2.12 19.21 -17.83
N ASN A 11 -2.92 20.19 -18.30
CA ASN A 11 -2.70 21.59 -17.97
C ASN A 11 -3.40 21.93 -16.66
N PRO A 12 -2.87 22.90 -15.90
CA PRO A 12 -3.53 23.29 -14.65
C PRO A 12 -4.99 23.61 -14.87
N GLY A 13 -5.83 23.15 -13.93
CA GLY A 13 -7.25 23.39 -13.98
C GLY A 13 -8.06 22.35 -14.70
N GLU A 14 -7.42 21.49 -15.49
CA GLU A 14 -8.13 20.42 -16.19
C GLU A 14 -8.51 19.30 -15.22
N THR A 15 -9.37 18.41 -15.71
CA THR A 15 -9.75 17.21 -14.98
C THR A 15 -8.90 16.05 -15.50
N VAL A 16 -8.21 15.38 -14.57
CA VAL A 16 -7.33 14.26 -14.86
C VAL A 16 -8.04 12.98 -14.44
N LYS A 17 -7.93 11.94 -15.25
CA LYS A 17 -8.45 10.62 -14.91
C LYS A 17 -7.37 9.58 -15.09
N ILE A 18 -7.24 8.71 -14.09
CA ILE A 18 -6.32 7.58 -14.13
C ILE A 18 -7.13 6.33 -13.82
N THR A 19 -7.11 5.37 -14.71
N THR A 19 -7.08 5.34 -14.69
CA THR A 19 -7.83 4.13 -14.47
CA THR A 19 -7.88 4.12 -14.53
C THR A 19 -6.87 3.05 -14.00
C THR A 19 -7.01 2.89 -14.31
N CYS A 20 -7.44 2.04 -13.37
CA CYS A 20 -6.74 0.83 -12.99
C CYS A 20 -7.69 -0.35 -13.14
N SER A 21 -7.16 -1.47 -13.60
CA SER A 21 -7.93 -2.71 -13.72
C SER A 21 -7.08 -3.88 -13.25
N GLY A 22 -7.70 -5.06 -13.22
CA GLY A 22 -6.99 -6.28 -12.96
C GLY A 22 -7.16 -6.85 -11.58
N GLY A 23 -7.89 -6.16 -10.71
CA GLY A 23 -8.08 -6.65 -9.36
C GLY A 23 -8.95 -7.90 -9.30
N GLY A 24 -8.68 -8.71 -8.29
CA GLY A 24 -9.47 -9.89 -8.07
C GLY A 24 -10.84 -9.57 -7.48
N ARG A 25 -11.78 -10.46 -7.76
N ARG A 25 -11.78 -10.46 -7.75
CA ARG A 25 -13.12 -10.34 -7.21
CA ARG A 25 -13.12 -10.29 -7.21
C ARG A 25 -13.07 -10.59 -5.70
C ARG A 25 -13.11 -10.60 -5.71
N TYR A 26 -13.71 -9.70 -4.92
CA TYR A 26 -13.73 -9.85 -3.47
C TYR A 26 -14.87 -10.80 -3.05
N TYR A 27 -14.93 -11.10 -1.76
CA TYR A 27 -15.89 -12.08 -1.24
C TYR A 27 -17.33 -11.65 -1.50
N ASP A 28 -17.60 -10.35 -1.48
CA ASP A 28 -18.92 -9.82 -1.76
C ASP A 28 -19.21 -9.70 -3.26
N GLY A 29 -18.34 -10.23 -4.12
CA GLY A 29 -18.55 -10.19 -5.54
C GLY A 29 -18.15 -8.91 -6.22
N SER A 30 -17.67 -7.93 -5.49
CA SER A 30 -17.29 -6.66 -6.07
C SER A 30 -15.77 -6.55 -6.18
N TYR A 31 -15.31 -5.36 -6.56
CA TYR A 31 -13.91 -5.05 -6.78
C TYR A 31 -13.60 -3.79 -6.01
N TYR A 32 -12.39 -3.72 -5.44
CA TYR A 32 -12.02 -2.62 -4.56
C TYR A 32 -10.60 -2.19 -4.84
N TYR A 33 -10.40 -0.88 -4.91
CA TYR A 33 -9.10 -0.30 -5.23
C TYR A 33 -8.78 0.86 -4.30
N GLY A 34 -7.49 1.04 -4.05
CA GLY A 34 -6.96 2.20 -3.37
C GLY A 34 -5.97 2.94 -4.26
N TRP A 35 -5.76 4.21 -3.95
CA TRP A 35 -4.90 5.11 -4.73
C TRP A 35 -3.91 5.80 -3.82
N TYR A 36 -2.63 5.62 -4.12
CA TYR A 36 -1.55 6.02 -3.22
C TYR A 36 -0.60 6.95 -3.98
N GLN A 37 -0.47 8.18 -3.49
CA GLN A 37 0.28 9.25 -4.15
C GLN A 37 1.68 9.32 -3.58
N GLN A 38 2.70 9.34 -4.44
CA GLN A 38 4.06 9.51 -3.97
C GLN A 38 4.70 10.62 -4.77
N LYS A 39 5.07 11.70 -4.09
CA LYS A 39 5.58 12.87 -4.78
C LYS A 39 7.06 12.78 -5.09
N SER A 40 7.81 11.98 -4.36
CA SER A 40 9.24 11.84 -4.60
C SER A 40 9.69 10.52 -4.01
N PRO A 41 10.76 9.93 -4.53
CA PRO A 41 11.24 8.66 -3.95
C PRO A 41 11.69 8.82 -2.51
N GLY A 42 12.08 10.02 -2.12
CA GLY A 42 12.43 10.31 -0.75
C GLY A 42 11.30 10.62 0.23
N SER A 43 10.10 10.13 -0.07
CA SER A 43 8.97 10.49 0.78
C SER A 43 7.91 9.39 0.75
N ALA A 44 7.21 9.27 1.87
CA ALA A 44 6.21 8.23 2.07
C ALA A 44 5.00 8.46 1.15
N PRO A 45 4.37 7.39 0.70
CA PRO A 45 3.11 7.53 -0.01
C PRO A 45 2.05 8.14 0.90
N VAL A 46 1.03 8.70 0.27
CA VAL A 46 -0.14 9.28 0.93
C VAL A 46 -1.37 8.66 0.28
N THR A 47 -2.28 8.11 1.08
CA THR A 47 -3.53 7.61 0.50
C THR A 47 -4.42 8.78 0.11
N VAL A 48 -4.81 8.85 -1.15
CA VAL A 48 -5.77 9.87 -1.57
C VAL A 48 -7.19 9.33 -1.62
N ILE A 49 -7.35 8.06 -1.98
CA ILE A 49 -8.66 7.38 -2.03
C ILE A 49 -8.43 5.94 -1.58
N TYR A 50 -9.38 5.37 -0.82
CA TYR A 50 -9.33 3.96 -0.50
C TYR A 50 -10.74 3.37 -0.61
N GLU A 51 -10.80 2.06 -0.76
CA GLU A 51 -12.08 1.35 -0.91
C GLU A 51 -12.95 2.02 -1.99
N ASN A 52 -12.31 2.27 -3.15
CA ASN A 52 -12.92 2.84 -4.35
C ASN A 52 -13.21 4.33 -4.26
N THR A 53 -13.87 4.78 -3.19
CA THR A 53 -14.46 6.11 -3.15
C THR A 53 -14.17 6.91 -1.90
N LYS A 54 -13.55 6.30 -0.88
CA LYS A 54 -13.42 6.98 0.40
C LYS A 54 -12.21 7.89 0.39
N ARG A 55 -12.42 9.15 0.76
CA ARG A 55 -11.36 10.13 0.76
C ARG A 55 -11.01 10.50 2.19
N PRO A 56 -9.77 10.29 2.63
CA PRO A 56 -9.39 10.73 3.98
C PRO A 56 -9.66 12.22 4.16
N SER A 57 -10.01 12.60 5.39
CA SER A 57 -10.53 13.95 5.64
C SER A 57 -9.51 15.04 5.29
N ASN A 58 -8.22 14.75 5.43
CA ASN A 58 -7.17 15.73 5.17
C ASN A 58 -6.81 15.86 3.69
N ILE A 59 -7.39 15.04 2.82
CA ILE A 59 -7.04 15.04 1.40
C ILE A 59 -7.89 16.07 0.69
N PRO A 60 -7.33 16.85 -0.24
CA PRO A 60 -8.12 17.89 -0.92
C PRO A 60 -9.34 17.33 -1.63
N SER A 61 -10.40 18.14 -1.63
N SER A 61 -10.39 18.16 -1.64
N SER A 61 -10.41 18.14 -1.64
CA SER A 61 -11.68 17.72 -2.20
CA SER A 61 -11.68 17.78 -2.20
CA SER A 61 -11.68 17.72 -2.20
C SER A 61 -11.58 17.43 -3.70
C SER A 61 -11.60 17.48 -3.69
C SER A 61 -11.59 17.45 -3.70
N ARG A 62 -10.58 17.96 -4.38
CA ARG A 62 -10.46 17.75 -5.82
C ARG A 62 -10.15 16.30 -6.20
N PHE A 63 -9.75 15.45 -5.23
CA PHE A 63 -9.55 14.04 -5.48
C PHE A 63 -10.85 13.28 -5.24
N SER A 64 -11.22 12.42 -6.19
CA SER A 64 -12.37 11.54 -6.01
C SER A 64 -12.13 10.22 -6.72
N GLY A 65 -12.83 9.18 -6.29
CA GLY A 65 -12.67 7.87 -6.88
C GLY A 65 -14.01 7.29 -7.27
N SER A 66 -13.98 6.44 -8.30
CA SER A 66 -15.17 5.73 -8.76
C SER A 66 -14.75 4.34 -9.23
N LYS A 67 -15.76 3.47 -9.36
CA LYS A 67 -15.57 2.11 -9.85
C LYS A 67 -16.61 1.81 -10.93
N SER A 68 -16.19 1.08 -11.97
CA SER A 68 -17.08 0.64 -13.04
C SER A 68 -16.68 -0.79 -13.40
N GLY A 69 -17.58 -1.74 -13.17
CA GLY A 69 -17.21 -3.13 -13.40
C GLY A 69 -16.07 -3.53 -12.49
N SER A 70 -14.97 -4.00 -13.09
CA SER A 70 -13.77 -4.36 -12.35
C SER A 70 -12.69 -3.31 -12.45
N THR A 71 -13.02 -2.11 -12.90
CA THR A 71 -12.03 -1.05 -13.04
C THR A 71 -12.34 0.05 -12.03
N ALA A 72 -11.31 0.84 -11.74
CA ALA A 72 -11.44 1.97 -10.85
C ALA A 72 -10.77 3.18 -11.49
N THR A 73 -11.33 4.36 -11.22
CA THR A 73 -10.78 5.59 -11.76
C THR A 73 -10.56 6.60 -10.65
N LEU A 74 -9.35 7.15 -10.60
CA LEU A 74 -9.06 8.32 -9.78
C LEU A 74 -9.24 9.55 -10.64
N THR A 75 -10.04 10.50 -10.16
CA THR A 75 -10.27 11.75 -10.87
C THR A 75 -9.73 12.89 -10.04
N ILE A 76 -8.93 13.76 -10.65
CA ILE A 76 -8.51 15.01 -10.04
C ILE A 76 -9.17 16.13 -10.81
N THR A 77 -10.14 16.79 -10.18
CA THR A 77 -10.91 17.86 -10.82
C THR A 77 -10.27 19.20 -10.47
N GLY A 78 -9.73 19.89 -11.47
CA GLY A 78 -9.03 21.13 -11.22
C GLY A 78 -7.60 20.88 -10.78
N VAL A 79 -6.86 20.15 -11.60
CA VAL A 79 -5.53 19.70 -11.20
C VAL A 79 -4.60 20.88 -10.97
N ARG A 80 -3.68 20.72 -10.03
CA ARG A 80 -2.71 21.74 -9.68
C ARG A 80 -1.31 21.17 -9.86
N ALA A 81 -0.33 22.06 -10.06
CA ALA A 81 1.04 21.60 -10.21
C ALA A 81 1.50 20.77 -9.00
N GLU A 82 1.01 21.10 -7.81
CA GLU A 82 1.41 20.36 -6.63
C GLU A 82 0.92 18.91 -6.66
N ASP A 83 0.01 18.56 -7.57
CA ASP A 83 -0.48 17.20 -7.68
C ASP A 83 0.45 16.30 -8.48
N GLU A 84 1.50 16.85 -9.09
CA GLU A 84 2.45 16.01 -9.80
C GLU A 84 3.03 14.97 -8.84
N ALA A 85 3.02 13.71 -9.26
CA ALA A 85 3.36 12.59 -8.38
C ALA A 85 3.20 11.33 -9.22
N VAL A 86 3.65 10.23 -8.64
CA VAL A 86 3.27 8.90 -9.13
C VAL A 86 2.09 8.44 -8.30
N TYR A 87 1.04 7.97 -8.97
CA TYR A 87 -0.15 7.44 -8.32
C TYR A 87 -0.17 5.94 -8.53
N TYR A 88 -0.07 5.18 -7.45
CA TYR A 88 -0.13 3.72 -7.52
C TYR A 88 -1.53 3.26 -7.15
N CYS A 89 -2.09 2.38 -7.94
CA CYS A 89 -3.31 1.71 -7.52
CA CYS A 89 -3.30 1.74 -7.47
C CYS A 89 -2.96 0.42 -6.77
N GLY A 90 -3.85 0.03 -5.85
CA GLY A 90 -3.70 -1.20 -5.11
C GLY A 90 -5.02 -1.93 -5.01
N SER A 91 -4.93 -3.26 -4.92
CA SER A 91 -6.11 -4.10 -4.80
C SER A 91 -5.64 -5.44 -4.26
N ALA A 92 -6.43 -6.49 -4.50
CA ALA A 92 -6.06 -7.86 -4.19
C ALA A 92 -6.07 -8.64 -5.48
N ASP A 93 -5.32 -9.74 -5.54
CA ASP A 93 -5.52 -10.69 -6.63
C ASP A 93 -6.65 -11.67 -6.30
N ASP A 94 -6.85 -12.63 -7.21
CA ASP A 94 -7.92 -13.60 -7.11
C ASP A 94 -7.72 -14.60 -5.99
N ASN A 95 -6.51 -14.77 -5.48
CA ASN A 95 -6.23 -15.84 -4.53
C ASN A 95 -5.23 -15.45 -3.46
N MET A 96 -3.95 -15.70 -3.72
CA MET A 96 -2.97 -15.75 -2.64
C MET A 96 -2.39 -14.40 -2.24
N ASN A 97 -2.72 -13.31 -2.94
CA ASN A 97 -2.07 -12.02 -2.68
C ASN A 97 -3.12 -10.98 -2.30
N PRO A 98 -3.40 -10.81 -1.01
CA PRO A 98 -4.40 -9.81 -0.59
C PRO A 98 -4.04 -8.39 -0.95
N THR A 99 -2.75 -8.12 -1.19
CA THR A 99 -2.30 -6.79 -1.59
C THR A 99 -1.43 -6.93 -2.82
N ILE A 100 -1.80 -6.22 -3.87
CA ILE A 100 -1.01 -6.10 -5.09
C ILE A 100 -1.10 -4.64 -5.53
N PHE A 101 -0.03 -4.15 -6.18
CA PHE A 101 0.02 -2.77 -6.66
C PHE A 101 0.21 -2.72 -8.16
N GLY A 102 -0.36 -1.71 -8.79
CA GLY A 102 0.01 -1.36 -10.14
C GLY A 102 1.39 -0.74 -10.20
N ALA A 103 1.88 -0.55 -11.43
CA ALA A 103 3.24 -0.06 -11.65
C ALA A 103 3.37 1.44 -11.44
N GLY A 104 2.26 2.14 -11.24
CA GLY A 104 2.27 3.57 -11.00
C GLY A 104 2.05 4.40 -12.25
N THR A 105 1.23 5.45 -12.15
CA THR A 105 1.01 6.40 -13.22
C THR A 105 1.63 7.73 -12.81
N THR A 106 2.59 8.22 -13.59
CA THR A 106 3.22 9.50 -13.32
C THR A 106 2.39 10.62 -13.95
N LEU A 107 1.92 11.55 -13.13
CA LEU A 107 1.18 12.71 -13.59
C LEU A 107 2.14 13.88 -13.78
N THR A 108 2.17 14.42 -14.98
CA THR A 108 2.90 15.64 -15.30
C THR A 108 1.89 16.75 -15.52
N VAL A 109 2.13 17.91 -14.89
CA VAL A 109 1.31 19.10 -15.08
C VAL A 109 2.11 20.06 -15.95
N LEU A 110 1.56 20.35 -17.12
CA LEU A 110 2.28 21.14 -18.11
C LEU A 110 2.30 22.61 -17.70
N GLY A 111 3.29 23.33 -18.23
CA GLY A 111 3.41 24.76 -17.98
C GLY A 111 4.28 25.15 -16.80
N ALA A 129 -4.04 12.41 13.62
CA ALA A 129 -3.31 12.05 14.84
C ALA A 129 -2.61 10.71 14.66
N VAL A 130 -2.90 10.04 13.55
CA VAL A 130 -2.32 8.72 13.30
C VAL A 130 -0.85 8.87 12.97
N THR A 131 0.00 8.12 13.68
CA THR A 131 1.42 8.10 13.38
C THR A 131 1.92 6.65 13.34
N LEU A 132 2.79 6.39 12.37
CA LEU A 132 3.47 5.11 12.21
C LEU A 132 4.96 5.41 12.14
N ASP A 133 5.74 4.78 13.02
CA ASP A 133 7.13 5.17 13.21
C ASP A 133 8.02 3.92 13.12
N GLU A 134 8.65 3.71 11.97
CA GLU A 134 9.47 2.53 11.74
C GLU A 134 10.90 2.69 12.24
N SER A 135 11.49 1.58 12.68
CA SER A 135 12.87 1.49 13.10
C SER A 135 13.41 0.13 12.65
N GLY A 136 14.72 -0.06 12.79
CA GLY A 136 15.30 -1.37 12.52
C GLY A 136 16.01 -1.51 11.18
N GLY A 137 15.93 -0.50 10.32
CA GLY A 137 16.63 -0.57 9.06
C GLY A 137 18.14 -0.50 9.27
N GLY A 138 18.85 -0.65 8.17
CA GLY A 138 20.28 -0.47 8.18
C GLY A 138 20.94 -1.25 7.06
N LEU A 139 22.26 -1.31 7.15
CA LEU A 139 23.11 -2.02 6.19
C LEU A 139 23.29 -3.45 6.68
N GLN A 140 23.11 -4.41 5.78
CA GLN A 140 23.37 -5.81 6.10
C GLN A 140 24.03 -6.49 4.91
N THR A 141 24.82 -7.54 5.19
CA THR A 141 25.42 -8.30 4.10
C THR A 141 24.45 -9.37 3.62
N PRO A 142 24.54 -9.74 2.35
CA PRO A 142 23.68 -10.81 1.84
C PRO A 142 23.81 -12.06 2.69
N GLY A 143 22.66 -12.70 2.94
CA GLY A 143 22.58 -13.85 3.80
C GLY A 143 22.25 -13.51 5.24
N GLY A 144 22.39 -12.25 5.64
CA GLY A 144 22.10 -11.84 7.00
C GLY A 144 20.62 -11.54 7.19
N ALA A 145 20.32 -10.96 8.35
CA ALA A 145 18.95 -10.73 8.77
C ALA A 145 18.81 -9.32 9.33
N LEU A 146 17.56 -8.84 9.32
CA LEU A 146 17.20 -7.58 9.95
C LEU A 146 15.82 -7.71 10.57
N SER A 147 15.57 -6.94 11.62
CA SER A 147 14.28 -6.94 12.31
C SER A 147 13.76 -5.51 12.29
N LEU A 148 12.66 -5.29 11.58
CA LEU A 148 12.05 -3.97 11.49
C LEU A 148 10.88 -3.91 12.47
N VAL A 149 10.67 -2.73 13.03
CA VAL A 149 9.60 -2.52 14.00
C VAL A 149 8.88 -1.25 13.62
N CYS A 150 7.56 -1.24 13.81
CA CYS A 150 6.76 -0.05 13.57
C CYS A 150 5.96 0.21 14.84
N LYS A 151 6.10 1.40 15.40
CA LYS A 151 5.34 1.83 16.57
C LYS A 151 4.20 2.72 16.10
N ALA A 152 2.99 2.36 16.47
CA ALA A 152 1.80 3.08 16.03
C ALA A 152 1.21 3.89 17.18
N SER A 153 0.59 5.00 16.83
CA SER A 153 -0.19 5.76 17.81
C SER A 153 -1.30 6.51 17.10
N GLY A 154 -2.28 6.96 17.88
CA GLY A 154 -3.34 7.80 17.34
C GLY A 154 -4.56 7.06 16.86
N PHE A 155 -4.61 5.74 17.03
CA PHE A 155 -5.77 4.94 16.65
C PHE A 155 -5.79 3.69 17.51
N THR A 156 -6.91 2.98 17.49
CA THR A 156 -7.07 1.76 18.26
C THR A 156 -6.38 0.64 17.50
N PHE A 157 -5.11 0.40 17.85
CA PHE A 157 -4.24 -0.47 17.05
C PHE A 157 -4.82 -1.88 16.95
N SER A 158 -5.39 -2.38 18.04
CA SER A 158 -5.91 -3.75 18.08
C SER A 158 -7.11 -3.98 17.17
N SER A 159 -7.68 -2.93 16.59
CA SER A 159 -8.81 -3.05 15.69
C SER A 159 -8.43 -3.24 14.23
N TYR A 160 -7.17 -3.02 13.85
CA TYR A 160 -6.87 -2.88 12.43
C TYR A 160 -5.78 -3.81 11.95
N GLY A 161 -5.96 -4.27 10.70
CA GLY A 161 -4.88 -4.93 10.00
C GLY A 161 -3.73 -3.96 9.76
N MET A 162 -2.52 -4.52 9.62
CA MET A 162 -1.30 -3.76 9.39
C MET A 162 -0.50 -4.47 8.31
N GLN A 163 0.29 -3.69 7.57
CA GLN A 163 1.04 -4.22 6.44
C GLN A 163 2.43 -3.60 6.37
N TRP A 164 3.32 -4.28 5.65
CA TRP A 164 4.62 -3.74 5.25
C TRP A 164 4.67 -3.73 3.73
N VAL A 165 5.14 -2.61 3.18
CA VAL A 165 5.27 -2.38 1.75
C VAL A 165 6.68 -1.81 1.53
N ARG A 166 7.38 -2.26 0.51
CA ARG A 166 8.73 -1.77 0.24
C ARG A 166 8.85 -1.15 -1.14
N GLN A 167 9.96 -0.46 -1.34
CA GLN A 167 10.23 0.20 -2.61
C GLN A 167 11.73 0.19 -2.85
N ALA A 168 12.17 -0.54 -3.86
CA ALA A 168 13.58 -0.55 -4.23
C ALA A 168 13.92 0.77 -4.91
N PRO A 169 15.20 1.15 -4.96
CA PRO A 169 15.55 2.46 -5.53
C PRO A 169 15.12 2.57 -6.98
N GLY A 170 14.21 3.53 -7.24
CA GLY A 170 13.73 3.77 -8.58
C GLY A 170 12.60 2.86 -9.02
N LYS A 171 12.12 1.97 -8.17
CA LYS A 171 11.09 1.02 -8.52
C LYS A 171 9.76 1.40 -7.87
N GLY A 172 8.74 0.61 -8.13
CA GLY A 172 7.43 0.87 -7.57
C GLY A 172 7.23 0.22 -6.22
N LEU A 173 6.04 0.44 -5.68
CA LEU A 173 5.65 -0.18 -4.43
C LEU A 173 5.47 -1.68 -4.62
N GLU A 174 5.92 -2.44 -3.63
CA GLU A 174 5.87 -3.90 -3.59
C GLU A 174 5.40 -4.37 -2.23
N TRP A 175 4.32 -5.14 -2.21
CA TRP A 175 3.80 -5.65 -0.96
C TRP A 175 4.76 -6.67 -0.35
N VAL A 176 5.02 -6.55 0.95
CA VAL A 176 5.89 -7.48 1.66
C VAL A 176 5.09 -8.45 2.52
N ALA A 177 4.21 -7.95 3.40
CA ALA A 177 3.50 -8.83 4.32
C ALA A 177 2.33 -8.09 4.94
N GLY A 178 1.36 -8.85 5.45
CA GLY A 178 0.28 -8.27 6.23
C GLY A 178 -0.11 -9.18 7.38
N ILE A 179 -0.80 -8.59 8.34
CA ILE A 179 -1.28 -9.32 9.52
C ILE A 179 -2.60 -8.71 9.95
N GLN A 180 -3.58 -9.58 10.27
CA GLN A 180 -4.87 -9.09 10.70
C GLN A 180 -4.82 -8.61 12.15
N ASN A 181 -5.89 -7.92 12.57
CA ASN A 181 -5.91 -7.27 13.87
C ASN A 181 -5.74 -8.27 15.00
N ASP A 182 -6.14 -9.52 14.78
CA ASP A 182 -6.18 -10.57 15.79
C ASP A 182 -4.99 -11.51 15.72
N ASP A 183 -3.93 -11.14 14.99
CA ASP A 183 -2.64 -11.84 14.89
C ASP A 183 -2.68 -12.87 13.76
N THR A 184 -3.84 -13.13 13.17
CA THR A 184 -3.99 -14.20 12.19
C THR A 184 -3.81 -13.65 10.78
N GLY A 185 -3.93 -14.52 9.78
CA GLY A 185 -3.88 -14.07 8.40
C GLY A 185 -2.56 -13.42 8.03
N THR A 186 -1.46 -14.04 8.41
CA THR A 186 -0.14 -13.54 8.05
C THR A 186 0.21 -14.06 6.66
N TYR A 187 0.21 -13.16 5.68
CA TYR A 187 0.49 -13.52 4.29
C TYR A 187 1.65 -12.68 3.79
N TYR A 188 2.36 -13.20 2.78
CA TYR A 188 3.65 -12.67 2.36
C TYR A 188 3.72 -12.50 0.86
N GLY A 189 4.40 -11.44 0.43
CA GLY A 189 4.65 -11.25 -0.98
C GLY A 189 5.55 -12.33 -1.56
N ALA A 190 5.34 -12.60 -2.85
CA ALA A 190 6.03 -13.73 -3.49
C ALA A 190 7.55 -13.61 -3.37
N ALA A 191 8.09 -12.39 -3.44
CA ALA A 191 9.54 -12.25 -3.49
C ALA A 191 10.19 -12.52 -2.15
N VAL A 192 9.43 -12.53 -1.05
CA VAL A 192 9.99 -12.73 0.28
C VAL A 192 9.50 -14.02 0.91
N LYS A 193 8.78 -14.86 0.15
CA LYS A 193 8.20 -16.08 0.68
C LYS A 193 9.27 -16.96 1.31
N GLY A 194 9.02 -17.39 2.54
CA GLY A 194 9.95 -18.21 3.28
C GLY A 194 11.07 -17.46 3.95
N ARG A 195 11.18 -16.15 3.74
CA ARG A 195 12.25 -15.36 4.31
C ARG A 195 11.75 -14.29 5.27
N ALA A 196 10.45 -14.07 5.35
CA ALA A 196 9.87 -12.98 6.12
C ALA A 196 8.90 -13.54 7.15
N THR A 197 8.87 -12.91 8.32
CA THR A 197 7.86 -13.22 9.33
C THR A 197 7.31 -11.91 9.87
N ILE A 198 6.01 -11.74 9.79
CA ILE A 198 5.34 -10.57 10.35
C ILE A 198 4.66 -10.99 11.64
N SER A 199 4.70 -10.10 12.62
CA SER A 199 4.05 -10.34 13.90
C SER A 199 3.60 -8.99 14.43
N ARG A 200 2.77 -9.02 15.47
CA ARG A 200 2.34 -7.78 16.09
C ARG A 200 2.19 -7.97 17.58
N ASP A 201 2.30 -6.87 18.31
CA ASP A 201 2.07 -6.84 19.74
C ASP A 201 1.01 -5.77 19.99
N ASN A 202 -0.24 -6.20 20.15
CA ASN A 202 -1.33 -5.25 20.30
C ASN A 202 -1.21 -4.44 21.58
N GLY A 203 -0.59 -5.00 22.61
CA GLY A 203 -0.43 -4.26 23.85
C GLY A 203 0.57 -3.12 23.73
N GLN A 204 1.54 -3.26 22.84
CA GLN A 204 2.58 -2.25 22.64
C GLN A 204 2.34 -1.41 21.40
N SER A 205 1.26 -1.69 20.67
CA SER A 205 0.95 -1.01 19.42
C SER A 205 2.12 -1.07 18.43
N THR A 206 2.68 -2.26 18.27
CA THR A 206 3.80 -2.46 17.37
C THR A 206 3.55 -3.58 16.40
N VAL A 207 4.08 -3.43 15.20
N VAL A 207 4.07 -3.38 15.19
CA VAL A 207 4.12 -4.51 14.23
CA VAL A 207 4.21 -4.42 14.17
C VAL A 207 5.57 -4.69 13.79
C VAL A 207 5.69 -4.70 13.99
N ARG A 208 6.01 -5.95 13.67
CA ARG A 208 7.38 -6.34 13.45
C ARG A 208 7.51 -7.12 12.16
N LEU A 209 8.63 -6.93 11.47
CA LEU A 209 8.94 -7.69 10.27
C LEU A 209 10.36 -8.24 10.42
N GLN A 210 10.48 -9.56 10.47
CA GLN A 210 11.77 -10.22 10.49
C GLN A 210 12.09 -10.64 9.06
N LEU A 211 13.26 -10.24 8.57
CA LEU A 211 13.71 -10.57 7.23
C LEU A 211 14.99 -11.37 7.33
N ASN A 212 14.98 -12.60 6.84
N ASN A 212 14.98 -12.61 6.85
CA ASN A 212 16.13 -13.48 6.90
CA ASN A 212 16.16 -13.45 6.91
C ASN A 212 16.69 -13.73 5.50
C ASN A 212 16.68 -13.75 5.51
N ASN A 213 17.92 -14.23 5.45
CA ASN A 213 18.55 -14.61 4.19
C ASN A 213 18.47 -13.48 3.16
N LEU A 214 18.89 -12.30 3.60
CA LEU A 214 18.71 -11.10 2.81
C LEU A 214 19.49 -11.18 1.50
N ARG A 215 18.93 -10.50 0.49
CA ARG A 215 19.49 -10.45 -0.85
C ARG A 215 19.70 -9.00 -1.25
N ALA A 216 20.65 -8.77 -2.17
CA ALA A 216 20.90 -7.40 -2.63
C ALA A 216 19.61 -6.72 -3.07
N GLU A 217 18.74 -7.43 -3.78
CA GLU A 217 17.53 -6.83 -4.31
C GLU A 217 16.43 -6.67 -3.27
N ASP A 218 16.69 -7.02 -2.01
CA ASP A 218 15.81 -6.62 -0.91
C ASP A 218 16.07 -5.17 -0.48
N THR A 219 17.10 -4.53 -1.04
CA THR A 219 17.39 -3.14 -0.71
C THR A 219 16.18 -2.26 -1.05
N GLY A 220 15.83 -1.37 -0.14
CA GLY A 220 14.78 -0.43 -0.44
C GLY A 220 14.29 0.22 0.84
N THR A 221 13.30 1.09 0.69
CA THR A 221 12.64 1.68 1.84
C THR A 221 11.43 0.83 2.18
N TYR A 222 11.29 0.47 3.45
CA TYR A 222 10.22 -0.38 3.96
C TYR A 222 9.29 0.48 4.79
N TYR A 223 8.03 0.52 4.38
CA TYR A 223 6.99 1.35 4.99
C TYR A 223 6.03 0.48 5.75
N CYS A 224 5.72 0.89 6.96
CA CYS A 224 4.59 0.33 7.68
C CYS A 224 3.32 1.02 7.21
N ALA A 225 2.22 0.27 7.19
CA ALA A 225 0.95 0.76 6.66
C ALA A 225 -0.20 0.25 7.50
N LYS A 226 -1.13 1.15 7.81
CA LYS A 226 -2.36 0.80 8.53
C LYS A 226 -3.49 0.53 7.55
N ASP A 227 -4.29 -0.49 7.84
CA ASP A 227 -5.40 -0.80 6.95
C ASP A 227 -6.65 -0.19 7.61
N ALA A 228 -7.65 0.12 6.79
CA ALA A 228 -8.92 0.70 7.25
C ALA A 228 -10.09 -0.28 7.18
N SER A 229 -9.85 -1.53 6.80
CA SER A 229 -10.95 -2.47 6.68
C SER A 229 -11.69 -2.63 7.99
N SER A 230 -13.03 -2.63 7.90
CA SER A 230 -13.88 -2.69 9.08
C SER A 230 -13.81 -4.03 9.79
N ASP A 231 -13.37 -5.09 9.13
CA ASP A 231 -13.38 -6.42 9.70
C ASP A 231 -12.06 -6.84 10.32
N GLY A 232 -11.11 -5.91 10.47
CA GLY A 232 -9.82 -6.21 11.06
C GLY A 232 -8.82 -6.86 10.13
N GLY A 233 -9.21 -7.14 8.89
CA GLY A 233 -8.31 -7.66 7.90
C GLY A 233 -7.61 -6.56 7.14
N TYR A 234 -7.09 -6.92 5.97
CA TYR A 234 -6.33 -5.97 5.18
C TYR A 234 -6.37 -6.38 3.71
N GLY A 235 -5.97 -5.46 2.85
CA GLY A 235 -5.81 -5.73 1.44
C GLY A 235 -5.24 -4.50 0.76
N GLY A 236 -5.04 -4.61 -0.55
CA GLY A 236 -4.38 -3.52 -1.26
C GLY A 236 -5.25 -2.32 -1.52
N ASP A 237 -6.55 -2.46 -1.32
CA ASP A 237 -7.51 -1.40 -1.57
C ASP A 237 -7.68 -0.48 -0.37
N SER A 238 -7.16 -0.85 0.81
CA SER A 238 -7.66 -0.29 2.05
C SER A 238 -6.59 0.28 2.97
N ILE A 239 -5.42 0.64 2.45
CA ILE A 239 -4.40 1.27 3.26
C ILE A 239 -4.77 2.73 3.46
N ASP A 240 -4.91 3.16 4.72
CA ASP A 240 -5.24 4.56 4.97
C ASP A 240 -4.13 5.37 5.63
N ALA A 241 -3.05 4.77 6.09
CA ALA A 241 -1.97 5.55 6.69
C ALA A 241 -0.65 4.85 6.42
N TRP A 242 0.40 5.65 6.25
CA TRP A 242 1.73 5.15 5.93
C TRP A 242 2.74 5.77 6.89
N GLY A 243 3.75 4.99 7.24
CA GLY A 243 4.85 5.50 8.03
C GLY A 243 5.84 6.29 7.20
N HIS A 244 6.93 6.69 7.84
CA HIS A 244 7.97 7.44 7.14
C HIS A 244 8.95 6.54 6.41
N GLY A 245 8.91 5.25 6.62
CA GLY A 245 9.86 4.32 6.00
C GLY A 245 11.14 4.18 6.79
N THR A 246 11.74 3.00 6.67
CA THR A 246 13.08 2.75 7.15
C THR A 246 13.87 2.08 6.03
N GLU A 247 15.12 2.49 5.87
CA GLU A 247 15.95 2.03 4.76
C GLU A 247 16.63 0.71 5.11
N VAL A 248 16.52 -0.24 4.20
CA VAL A 248 17.20 -1.52 4.28
C VAL A 248 18.17 -1.54 3.12
N ILE A 249 19.46 -1.73 3.41
CA ILE A 249 20.49 -1.67 2.40
C ILE A 249 21.27 -2.98 2.49
N VAL A 250 21.18 -3.81 1.45
CA VAL A 250 21.82 -5.12 1.48
C VAL A 250 22.90 -5.14 0.42
N SER A 251 24.14 -5.32 0.84
CA SER A 251 25.24 -5.21 -0.10
C SER A 251 26.45 -5.89 0.51
N SER A 252 27.21 -6.56 -0.35
CA SER A 252 28.46 -7.20 0.05
C SER A 252 29.63 -6.41 -0.52
N LYS B 1 -17.94 -4.38 3.17
CA LYS B 1 -16.82 -5.06 2.54
C LYS B 1 -16.23 -6.11 3.47
N ILE B 2 -15.91 -7.27 2.90
CA ILE B 2 -15.07 -8.28 3.54
C ILE B 2 -13.67 -8.13 2.96
N SER B 3 -12.68 -7.96 3.82
CA SER B 3 -11.33 -7.68 3.37
C SER B 3 -10.71 -8.88 2.65
N ALA B 4 -9.68 -8.56 1.85
CA ALA B 4 -9.02 -9.59 1.06
C ALA B 4 -8.37 -10.65 1.95
N SER B 5 -7.77 -10.23 3.07
CA SER B 5 -7.14 -11.22 3.95
C SER B 5 -8.18 -12.11 4.63
N ARG B 6 -9.34 -11.57 5.01
CA ARG B 6 -10.37 -12.41 5.62
C ARG B 6 -10.89 -13.44 4.62
N LYS B 7 -11.02 -13.04 3.35
N LYS B 7 -11.03 -13.06 3.35
CA LYS B 7 -11.42 -14.00 2.32
CA LYS B 7 -11.44 -14.04 2.35
C LYS B 7 -10.41 -15.13 2.20
C LYS B 7 -10.41 -15.15 2.20
N LEU B 8 -9.12 -14.79 2.16
CA LEU B 8 -8.08 -15.82 2.04
C LEU B 8 -8.06 -16.74 3.26
N GLN B 9 -8.24 -16.18 4.46
CA GLN B 9 -8.31 -16.98 5.68
C GLN B 9 -9.46 -17.97 5.64
N LEU B 10 -10.61 -17.53 5.11
CA LEU B 10 -11.79 -18.39 5.08
C LEU B 10 -11.61 -19.51 4.08
N LYS B 11 -10.96 -19.24 2.95
CA LYS B 11 -10.69 -20.29 1.97
C LYS B 11 -9.58 -21.23 2.41
N THR B 12 -8.71 -20.81 3.32
CA THR B 12 -7.55 -21.59 3.72
C THR B 12 -7.84 -22.45 4.95
K K C . 26.10 -7.49 -3.38
K K D . 3.10 -6.13 -5.58
P PO4 E . -1.36 25.57 -10.23
O1 PO4 E . -1.53 25.17 -8.79
O2 PO4 E . -2.53 26.42 -10.67
O3 PO4 E . -1.23 24.37 -11.12
O4 PO4 E . -0.10 26.40 -10.34
#